data_4EBR
#
_entry.id   4EBR
#
_cell.length_a   127.833
_cell.length_b   127.833
_cell.length_c   169.589
_cell.angle_alpha   90.00
_cell.angle_beta   90.00
_cell.angle_gamma   120.00
#
_symmetry.space_group_name_H-M   'P 61 2 2'
#
loop_
_entity.id
_entity.type
_entity.pdbx_description
1 polymer 'Ubiquitin-like-conjugating enzyme ATG10'
2 non-polymer 'MERCURY (II) ION'
3 water water
#
_entity_poly.entity_id   1
_entity_poly.type   'polypeptide(L)'
_entity_poly.pdbx_seq_one_letter_code
;GS(MSE)IPYQEWHSQLQSLYDSQIFHNWALCQDVHLNDEKDGLLLRLIPTRQLQKNTERIENKLLNHIELYLTYSKVYN
EPLLLLRIWEEKSIDGIP(MSE)TKL(MSE)LPTDIESLLDVQGKFQLGLDTIINLEGSVWYSFHPCDTSCIVGDQAEF
(MSE)STYLRRWVSIFIFSWLGYEDS
;
_entity_poly.pdbx_strand_id   A,B
#
# COMPACT_ATOMS: atom_id res chain seq x y z
N GLY A 1 -2.43 -12.42 3.03
CA GLY A 1 -1.00 -12.28 3.25
C GLY A 1 -0.41 -13.37 4.13
N SER A 2 0.92 -13.50 4.13
CA SER A 2 1.61 -14.38 5.03
C SER A 2 2.74 -13.59 5.62
N ILE A 4 6.07 -12.27 7.67
CA ILE A 4 7.41 -12.74 7.99
C ILE A 4 8.04 -11.63 8.80
N PRO A 5 8.72 -12.01 9.89
CA PRO A 5 9.22 -10.97 10.79
C PRO A 5 10.50 -10.36 10.25
N TYR A 6 10.74 -9.10 10.61
CA TYR A 6 11.88 -8.38 10.10
C TYR A 6 13.23 -9.12 10.22
N GLN A 7 13.49 -9.71 11.38
CA GLN A 7 14.69 -10.54 11.60
C GLN A 7 14.90 -11.57 10.49
N GLU A 8 13.85 -12.32 10.18
CA GLU A 8 13.93 -13.36 9.18
C GLU A 8 14.08 -12.78 7.75
N TRP A 9 13.39 -11.67 7.50
CA TRP A 9 13.50 -11.01 6.20
C TRP A 9 14.93 -10.59 5.99
N HIS A 10 15.45 -9.86 6.98
CA HIS A 10 16.81 -9.33 6.95
C HIS A 10 17.85 -10.42 6.67
N SER A 11 17.69 -11.57 7.31
CA SER A 11 18.63 -12.67 7.15
C SER A 11 18.57 -13.22 5.76
N GLN A 12 17.34 -13.51 5.33
CA GLN A 12 17.12 -14.19 4.08
C GLN A 12 17.53 -13.30 2.93
N LEU A 13 17.27 -12.01 3.06
CA LEU A 13 17.68 -11.06 2.02
C LEU A 13 19.19 -11.05 1.86
N GLN A 14 19.90 -10.95 2.98
CA GLN A 14 21.34 -10.92 2.92
C GLN A 14 21.82 -12.27 2.39
N SER A 15 21.13 -13.32 2.80
CA SER A 15 21.46 -14.66 2.33
C SER A 15 21.20 -14.81 0.83
N LEU A 16 20.08 -14.25 0.37
CA LEU A 16 19.74 -14.31 -1.05
C LEU A 16 20.80 -13.60 -1.90
N TYR A 17 21.18 -12.40 -1.48
CA TYR A 17 22.22 -11.63 -2.13
C TYR A 17 23.51 -12.45 -2.22
N ASP A 18 23.81 -13.21 -1.17
CA ASP A 18 25.05 -13.97 -1.14
C ASP A 18 25.09 -15.10 -2.15
N SER A 19 23.94 -15.72 -2.39
CA SER A 19 23.85 -16.85 -3.32
C SER A 19 24.15 -16.43 -4.76
N GLN A 20 24.18 -15.12 -4.97
CA GLN A 20 24.46 -14.54 -6.28
C GLN A 20 23.39 -14.94 -7.29
N ILE A 21 22.21 -15.31 -6.80
CA ILE A 21 21.14 -15.69 -7.70
C ILE A 21 20.77 -14.53 -8.61
N PHE A 22 20.87 -13.31 -8.10
CA PHE A 22 20.59 -12.15 -8.95
C PHE A 22 21.81 -11.74 -9.82
N HIS A 23 23.02 -11.91 -9.28
CA HIS A 23 24.23 -11.56 -10.01
C HIS A 23 24.44 -12.40 -11.27
N ASN A 24 24.05 -13.68 -11.21
CA ASN A 24 24.22 -14.56 -12.35
C ASN A 24 22.96 -14.62 -13.20
N TRP A 25 21.95 -13.87 -12.80
CA TRP A 25 20.73 -13.80 -13.57
C TRP A 25 21.03 -12.98 -14.82
N ALA A 26 20.67 -13.52 -15.99
CA ALA A 26 21.07 -12.90 -17.26
C ALA A 26 20.53 -11.48 -17.42
N LEU A 27 19.25 -11.32 -17.05
CA LEU A 27 18.53 -10.06 -17.19
C LEU A 27 19.07 -8.94 -16.32
N CYS A 28 19.94 -9.27 -15.37
CA CYS A 28 20.28 -8.31 -14.33
C CYS A 28 21.54 -7.52 -14.59
N GLN A 29 21.39 -6.22 -14.84
CA GLN A 29 22.52 -5.32 -15.00
C GLN A 29 23.28 -5.16 -13.69
N ASP A 30 22.59 -4.75 -12.62
CA ASP A 30 23.25 -4.55 -11.32
C ASP A 30 22.38 -4.76 -10.08
N VAL A 31 23.04 -5.09 -8.98
CA VAL A 31 22.40 -5.45 -7.71
C VAL A 31 22.98 -4.59 -6.61
N HIS A 32 22.14 -3.97 -5.79
CA HIS A 32 22.67 -3.14 -4.72
C HIS A 32 21.91 -3.39 -3.45
N LEU A 33 22.62 -3.66 -2.36
CA LEU A 33 21.97 -3.80 -1.07
C LEU A 33 22.04 -2.48 -0.31
N ASN A 34 20.90 -1.98 0.14
CA ASN A 34 20.82 -0.68 0.79
C ASN A 34 21.69 -0.66 2.02
N ASP A 35 22.01 0.52 2.52
CA ASP A 35 22.94 0.63 3.64
C ASP A 35 22.61 -0.28 4.82
N GLU A 36 21.33 -0.49 5.10
CA GLU A 36 20.94 -1.31 6.24
C GLU A 36 20.85 -2.81 5.92
N LYS A 37 21.16 -3.16 4.67
CA LYS A 37 20.92 -4.51 4.12
C LYS A 37 19.43 -4.88 4.27
N ASP A 38 18.62 -3.83 4.44
CA ASP A 38 17.16 -3.93 4.47
C ASP A 38 16.50 -4.29 3.14
N GLY A 39 17.03 -3.71 2.07
CA GLY A 39 16.36 -3.66 0.78
C GLY A 39 17.35 -3.80 -0.35
N LEU A 40 16.85 -4.20 -1.51
CA LEU A 40 17.70 -4.64 -2.60
C LEU A 40 17.24 -4.03 -3.91
N LEU A 41 18.15 -3.35 -4.60
CA LEU A 41 17.79 -2.74 -5.86
C LEU A 41 18.30 -3.59 -7.02
N LEU A 42 17.38 -3.94 -7.91
CA LEU A 42 17.74 -4.68 -9.10
C LEU A 42 17.53 -3.81 -10.31
N ARG A 43 18.58 -3.57 -11.07
CA ARG A 43 18.42 -2.92 -12.35
C ARG A 43 18.50 -4.00 -13.40
N LEU A 44 17.57 -3.99 -14.34
CA LEU A 44 17.52 -5.03 -15.35
C LEU A 44 18.03 -4.57 -16.70
N ILE A 45 18.55 -5.53 -17.46
CA ILE A 45 19.09 -5.28 -18.79
C ILE A 45 18.01 -4.81 -19.75
N PRO A 46 18.39 -3.91 -20.64
CA PRO A 46 17.44 -3.29 -21.59
C PRO A 46 16.50 -4.32 -22.22
N THR A 47 15.20 -4.05 -22.19
CA THR A 47 14.26 -4.98 -22.77
C THR A 47 13.03 -4.28 -23.29
N ARG A 48 12.41 -4.88 -24.29
CA ARG A 48 11.05 -4.48 -24.69
C ARG A 48 10.21 -5.74 -24.89
N GLN A 49 9.19 -5.92 -24.04
CA GLN A 49 8.45 -7.20 -23.91
C GLN A 49 9.35 -8.30 -23.36
N LEU A 50 10.61 -7.95 -23.08
CA LEU A 50 11.70 -8.81 -22.60
C LEU A 50 12.51 -9.47 -23.72
N LEU A 61 14.55 1.75 -29.36
CA LEU A 61 13.80 2.23 -28.19
C LEU A 61 13.51 1.09 -27.24
N LEU A 62 14.20 1.08 -26.11
CA LEU A 62 14.14 -0.03 -25.16
C LEU A 62 13.65 0.40 -23.78
N ASN A 63 13.26 -0.55 -22.95
CA ASN A 63 12.94 -0.17 -21.59
C ASN A 63 14.12 -0.39 -20.63
N HIS A 64 13.99 0.08 -19.40
CA HIS A 64 14.88 -0.34 -18.32
C HIS A 64 14.03 -0.44 -17.08
N ILE A 65 14.06 -1.61 -16.45
CA ILE A 65 13.16 -1.91 -15.36
C ILE A 65 13.96 -1.85 -14.08
N GLU A 66 13.39 -1.26 -13.04
CA GLU A 66 14.05 -1.26 -11.77
C GLU A 66 13.16 -1.90 -10.73
N LEU A 67 13.72 -2.82 -9.95
CA LEU A 67 12.95 -3.46 -8.88
C LEU A 67 13.58 -3.14 -7.55
N TYR A 68 12.78 -2.60 -6.62
CA TYR A 68 13.27 -2.41 -5.27
C TYR A 68 12.55 -3.38 -4.34
N LEU A 69 13.28 -4.31 -3.76
CA LEU A 69 12.73 -5.29 -2.83
C LEU A 69 12.87 -4.74 -1.44
N THR A 70 11.76 -4.48 -0.78
CA THR A 70 11.81 -3.90 0.55
C THR A 70 10.89 -4.65 1.48
N TYR A 71 10.90 -4.22 2.74
CA TYR A 71 10.08 -4.84 3.73
C TYR A 71 9.06 -3.85 4.23
N SER A 72 7.80 -4.24 4.33
CA SER A 72 6.81 -3.35 4.95
C SER A 72 6.69 -3.62 6.44
N LYS A 73 7.01 -2.63 7.26
CA LYS A 73 6.85 -2.81 8.70
C LYS A 73 5.37 -2.69 9.07
N VAL A 74 4.61 -2.03 8.21
CA VAL A 74 3.18 -1.88 8.43
C VAL A 74 2.49 -3.23 8.32
N TYR A 75 2.79 -3.96 7.25
CA TYR A 75 2.13 -5.22 7.00
C TYR A 75 2.94 -6.47 7.36
N ASN A 76 4.20 -6.30 7.74
CA ASN A 76 5.13 -7.44 7.92
C ASN A 76 5.23 -8.40 6.75
N GLU A 77 5.38 -7.84 5.56
CA GLU A 77 5.45 -8.58 4.32
C GLU A 77 6.41 -7.84 3.42
N PRO A 78 7.03 -8.56 2.48
CA PRO A 78 7.90 -7.88 1.53
C PRO A 78 7.07 -7.00 0.61
N LEU A 79 7.71 -6.00 0.02
CA LEU A 79 7.07 -5.16 -0.98
C LEU A 79 7.98 -5.14 -2.20
N LEU A 80 7.41 -5.43 -3.37
CA LEU A 80 8.18 -5.30 -4.58
C LEU A 80 7.83 -3.96 -5.22
N LEU A 81 8.78 -3.03 -5.18
CA LEU A 81 8.58 -1.70 -5.72
C LEU A 81 9.12 -1.66 -7.14
N LEU A 82 8.35 -1.08 -8.03
CA LEU A 82 8.66 -1.22 -9.43
C LEU A 82 8.57 0.12 -10.18
N ARG A 83 9.60 0.41 -10.96
CA ARG A 83 9.50 1.45 -11.98
C ARG A 83 10.25 1.13 -13.28
N ILE A 84 9.90 1.86 -14.33
CA ILE A 84 10.37 1.50 -15.67
C ILE A 84 10.72 2.71 -16.49
N TRP A 85 11.94 2.72 -17.04
CA TRP A 85 12.38 3.78 -17.95
C TRP A 85 12.04 3.40 -19.39
N GLU A 86 11.21 4.19 -20.05
CA GLU A 86 10.93 3.90 -21.45
C GLU A 86 11.49 4.97 -22.33
N GLU A 87 12.06 4.56 -23.46
CA GLU A 87 12.52 5.56 -24.42
C GLU A 87 11.39 5.79 -25.38
N LYS A 88 11.04 7.04 -25.59
CA LYS A 88 9.96 7.34 -26.51
C LYS A 88 10.57 8.20 -27.62
N SER A 89 9.96 8.25 -28.78
CA SER A 89 10.49 9.13 -29.81
C SER A 89 9.56 10.30 -29.95
N ILE A 90 10.08 11.46 -29.58
CA ILE A 90 9.29 12.67 -29.53
C ILE A 90 9.74 13.64 -30.63
N ASP A 91 8.83 13.86 -31.58
CA ASP A 91 9.10 14.73 -32.72
C ASP A 91 10.31 14.22 -33.47
N GLY A 92 10.60 12.94 -33.33
CA GLY A 92 11.72 12.33 -34.03
C GLY A 92 13.01 12.27 -33.23
N ILE A 93 12.98 12.76 -31.99
CA ILE A 93 14.15 12.70 -31.12
C ILE A 93 13.96 11.66 -30.02
N PRO A 94 14.91 10.72 -29.89
CA PRO A 94 14.80 9.75 -28.79
C PRO A 94 14.95 10.43 -27.44
N THR A 96 13.98 9.84 -22.88
CA THR A 96 13.58 8.88 -21.86
C THR A 96 12.56 9.47 -20.90
N LYS A 97 11.66 8.63 -20.40
CA LYS A 97 10.74 9.05 -19.36
C LYS A 97 10.43 7.90 -18.41
N LEU A 98 10.00 8.22 -17.20
CA LEU A 98 9.43 7.18 -16.33
C LEU A 98 8.07 6.78 -16.86
N LEU A 100 4.30 5.42 -17.18
CA LEU A 100 3.03 5.57 -16.47
C LEU A 100 2.41 4.22 -16.06
N PRO A 101 1.75 4.19 -14.92
CA PRO A 101 1.27 2.92 -14.37
C PRO A 101 0.35 2.18 -15.33
N THR A 102 -0.45 2.92 -16.11
CA THR A 102 -1.40 2.26 -17.00
C THR A 102 -0.62 1.40 -17.98
N ASP A 103 0.53 1.90 -18.42
CA ASP A 103 1.37 1.18 -19.36
C ASP A 103 2.17 0.07 -18.67
N ILE A 104 2.57 0.30 -17.43
CA ILE A 104 3.22 -0.74 -16.66
C ILE A 104 2.25 -1.91 -16.55
N GLU A 105 0.99 -1.61 -16.27
CA GLU A 105 -0.07 -2.62 -16.35
C GLU A 105 -0.09 -3.21 -17.75
N SER A 106 -0.44 -2.42 -18.74
CA SER A 106 -0.60 -2.96 -20.09
C SER A 106 0.67 -3.67 -20.63
N LEU A 107 1.80 -3.53 -19.95
CA LEU A 107 3.01 -4.29 -20.31
C LEU A 107 3.03 -5.63 -19.58
N LEU A 108 3.04 -5.56 -18.25
CA LEU A 108 2.96 -6.74 -17.41
C LEU A 108 1.65 -7.47 -17.62
N ASP A 109 0.55 -6.74 -17.40
CA ASP A 109 -0.80 -7.33 -17.39
C ASP A 109 -1.10 -8.20 -18.61
N VAL A 110 -0.53 -7.86 -19.76
CA VAL A 110 -0.74 -8.71 -20.93
C VAL A 110 0.00 -10.03 -20.79
N GLN A 111 1.18 -10.04 -20.19
CA GLN A 111 1.83 -11.32 -19.91
C GLN A 111 2.45 -11.48 -18.52
N GLY A 112 1.78 -12.27 -17.67
CA GLY A 112 0.33 -12.39 -17.73
C GLY A 112 -0.35 -13.39 -16.81
N LYS A 113 -1.63 -13.15 -16.46
CA LYS A 113 -2.24 -11.81 -16.53
C LYS A 113 -2.97 -11.47 -15.22
N PHE A 114 -2.45 -10.55 -14.42
CA PHE A 114 -3.13 -10.16 -13.16
C PHE A 114 -2.41 -9.07 -12.33
N GLN A 115 -3.19 -8.38 -11.50
CA GLN A 115 -2.73 -7.60 -10.34
C GLN A 115 -3.87 -7.56 -9.31
N LEU A 116 -3.54 -7.68 -8.03
CA LEU A 116 -4.57 -7.77 -6.99
C LEU A 116 -4.66 -6.43 -6.27
N GLY A 117 -5.87 -6.08 -5.83
CA GLY A 117 -6.05 -4.91 -4.98
C GLY A 117 -6.10 -3.60 -5.72
N LEU A 118 -5.90 -2.50 -5.00
CA LEU A 118 -6.02 -1.18 -5.61
C LEU A 118 -4.68 -0.76 -6.22
N ASP A 119 -4.67 0.28 -7.06
CA ASP A 119 -3.40 0.67 -7.63
C ASP A 119 -2.69 1.58 -6.66
N THR A 120 -1.49 1.12 -6.29
CA THR A 120 -0.74 1.67 -5.19
C THR A 120 0.56 2.27 -5.67
N ILE A 121 0.75 3.52 -5.34
CA ILE A 121 1.93 4.24 -5.74
C ILE A 121 2.69 4.47 -4.47
N ILE A 122 4.00 4.28 -4.51
CA ILE A 122 4.83 4.47 -3.33
C ILE A 122 5.85 5.56 -3.63
N ASN A 123 5.95 6.54 -2.74
CA ASN A 123 6.89 7.62 -2.94
C ASN A 123 8.13 7.44 -2.08
N LEU A 124 9.27 7.29 -2.73
CA LEU A 124 10.52 7.21 -2.02
C LEU A 124 11.25 8.51 -2.29
N GLU A 125 11.49 9.27 -1.22
CA GLU A 125 12.26 10.50 -1.31
C GLU A 125 12.02 11.22 -2.62
N GLY A 126 10.77 11.30 -3.06
CA GLY A 126 10.43 12.00 -4.28
C GLY A 126 10.33 11.15 -5.54
N SER A 127 10.91 9.95 -5.51
CA SER A 127 10.76 9.06 -6.64
C SER A 127 9.47 8.27 -6.50
N VAL A 128 8.85 7.92 -7.63
CA VAL A 128 7.54 7.27 -7.64
C VAL A 128 7.60 5.79 -8.04
N TRP A 129 7.10 4.92 -7.18
CA TRP A 129 7.17 3.49 -7.48
C TRP A 129 5.78 2.87 -7.45
N TYR A 130 5.59 1.88 -8.32
CA TYR A 130 4.34 1.15 -8.36
C TYR A 130 4.53 -0.15 -7.61
N SER A 131 3.77 -0.29 -6.52
CA SER A 131 3.75 -1.48 -5.70
C SER A 131 3.11 -2.62 -6.47
N PHE A 132 3.86 -3.71 -6.66
CA PHE A 132 3.45 -4.80 -7.53
C PHE A 132 2.96 -6.02 -6.77
N HIS A 133 1.68 -6.33 -6.87
CA HIS A 133 1.11 -7.49 -6.18
C HIS A 133 0.40 -8.42 -7.14
N PRO A 134 1.13 -9.35 -7.76
CA PRO A 134 0.43 -10.31 -8.62
C PRO A 134 -0.59 -11.16 -7.84
N CYS A 135 -0.42 -11.28 -6.52
CA CYS A 135 -1.37 -12.00 -5.68
C CYS A 135 -1.10 -11.84 -4.20
N ASP A 136 -1.90 -12.51 -3.37
CA ASP A 136 -1.67 -12.59 -1.94
C ASP A 136 -0.47 -13.48 -1.63
N THR A 137 0.23 -13.19 -0.54
CA THR A 137 1.41 -13.99 -0.16
C THR A 137 1.01 -15.20 0.66
N SER A 138 -0.29 -15.44 0.80
CA SER A 138 -0.78 -16.52 1.66
C SER A 138 -0.48 -17.90 1.08
N CYS A 139 0.00 -17.91 -0.16
CA CYS A 139 0.41 -19.14 -0.83
C CYS A 139 1.84 -19.55 -0.43
N ILE A 140 2.56 -18.64 0.21
CA ILE A 140 3.97 -18.86 0.54
C ILE A 140 4.24 -19.70 1.80
N VAL A 141 3.37 -19.60 2.79
CA VAL A 141 3.59 -20.37 4.01
C VAL A 141 2.31 -20.49 4.80
N GLY A 142 2.38 -21.21 5.91
CA GLY A 142 1.28 -21.33 6.86
C GLY A 142 1.62 -22.41 7.85
N ASP A 143 0.62 -23.00 8.51
CA ASP A 143 0.72 -24.35 9.10
C ASP A 143 1.92 -24.66 10.02
N GLN A 144 2.23 -23.79 10.98
CA GLN A 144 3.40 -24.01 11.86
C GLN A 144 4.73 -23.74 11.11
N ALA A 145 4.62 -23.51 9.80
CA ALA A 145 5.70 -22.94 8.99
C ALA A 145 7.07 -23.64 9.09
N GLU A 146 7.14 -24.87 8.59
CA GLU A 146 8.40 -25.61 8.61
C GLU A 146 9.30 -25.11 7.48
N PHE A 147 8.68 -24.43 6.51
CA PHE A 147 9.39 -23.86 5.39
C PHE A 147 9.70 -22.38 5.48
N SER A 149 11.99 -20.80 6.58
CA SER A 149 13.31 -20.27 6.28
C SER A 149 13.44 -19.89 4.80
N THR A 150 12.87 -20.69 3.91
CA THR A 150 12.96 -20.39 2.49
C THR A 150 12.29 -19.05 2.17
N TYR A 151 11.35 -18.61 2.95
CA TYR A 151 10.19 -17.92 2.48
C TYR A 151 10.54 -16.86 1.45
N LEU A 152 11.64 -16.17 1.60
CA LEU A 152 11.97 -15.11 0.66
C LEU A 152 12.25 -15.71 -0.70
N ARG A 153 12.89 -16.88 -0.71
CA ARG A 153 13.18 -17.56 -1.98
C ARG A 153 11.91 -17.96 -2.73
N ARG A 154 10.90 -18.48 -2.03
CA ARG A 154 9.59 -18.73 -2.67
C ARG A 154 9.03 -17.42 -3.24
N TRP A 155 9.07 -16.38 -2.41
CA TRP A 155 8.50 -15.10 -2.75
C TRP A 155 9.12 -14.56 -4.04
N VAL A 156 10.43 -14.67 -4.14
CA VAL A 156 11.15 -14.25 -5.34
C VAL A 156 10.69 -14.99 -6.57
N SER A 157 10.43 -16.29 -6.43
CA SER A 157 9.94 -17.10 -7.54
C SER A 157 8.57 -16.63 -8.02
N ILE A 158 7.70 -16.26 -7.09
CA ILE A 158 6.34 -15.90 -7.41
C ILE A 158 6.23 -14.44 -7.84
N PHE A 159 6.92 -13.58 -7.12
CA PHE A 159 6.87 -12.15 -7.37
C PHE A 159 7.79 -11.59 -8.44
N ILE A 160 8.87 -12.29 -8.74
CA ILE A 160 9.83 -11.75 -9.68
C ILE A 160 10.03 -12.63 -10.92
N PHE A 161 10.50 -13.85 -10.71
CA PHE A 161 10.84 -14.72 -11.82
C PHE A 161 9.64 -15.12 -12.67
N SER A 162 8.45 -15.04 -12.10
CA SER A 162 7.26 -15.45 -12.82
C SER A 162 7.00 -14.56 -14.03
N TRP A 163 7.10 -13.25 -13.88
CA TRP A 163 6.91 -12.37 -15.04
C TRP A 163 8.16 -11.95 -15.82
N LEU A 164 9.33 -12.16 -15.20
CA LEU A 164 10.63 -11.90 -15.82
C LEU A 164 11.30 -13.12 -16.48
N GLY A 165 11.31 -14.27 -15.80
CA GLY A 165 11.82 -15.49 -16.43
C GLY A 165 13.21 -15.55 -15.86
N TYR A 166 13.56 -16.65 -15.19
CA TYR A 166 14.96 -16.86 -14.84
C TYR A 166 15.72 -17.45 -16.03
N GLU A 167 16.96 -16.99 -16.19
CA GLU A 167 17.76 -17.32 -17.36
C GLU A 167 19.24 -16.95 -17.16
N GLY B 1 1.71 -6.30 10.92
CA GLY B 1 0.37 -6.53 10.40
C GLY B 1 -0.52 -7.43 11.23
N SER B 2 -1.75 -7.60 10.77
CA SER B 2 -2.67 -8.57 11.32
C SER B 2 -3.43 -9.26 10.16
N ILE B 4 -7.52 -10.37 9.23
CA ILE B 4 -8.88 -10.69 9.51
C ILE B 4 -9.45 -11.12 8.18
N PRO B 5 -10.18 -12.24 8.17
CA PRO B 5 -10.59 -12.80 6.90
C PRO B 5 -11.64 -11.91 6.33
N TYR B 6 -11.85 -12.00 5.02
CA TYR B 6 -12.79 -11.10 4.38
C TYR B 6 -14.24 -11.30 4.84
N GLN B 7 -14.64 -12.55 5.02
CA GLN B 7 -16.01 -12.85 5.42
C GLN B 7 -16.29 -12.16 6.75
N GLU B 8 -15.28 -12.17 7.61
CA GLU B 8 -15.39 -11.55 8.92
C GLU B 8 -15.43 -10.02 8.79
N TRP B 9 -14.60 -9.47 7.91
CA TRP B 9 -14.64 -8.04 7.66
C TRP B 9 -16.01 -7.59 7.15
N HIS B 10 -16.53 -8.34 6.17
CA HIS B 10 -17.77 -8.00 5.48
C HIS B 10 -18.89 -7.90 6.48
N SER B 11 -19.01 -8.96 7.27
CA SER B 11 -20.03 -9.03 8.28
C SER B 11 -19.91 -7.90 9.31
N GLN B 12 -18.73 -7.74 9.90
CA GLN B 12 -18.56 -6.69 10.89
C GLN B 12 -18.81 -5.29 10.30
N LEU B 13 -18.49 -5.08 9.03
CA LEU B 13 -18.72 -3.79 8.42
C LEU B 13 -20.23 -3.46 8.32
N GLN B 14 -21.01 -4.43 7.84
CA GLN B 14 -22.46 -4.23 7.80
C GLN B 14 -23.07 -4.01 9.18
N SER B 15 -22.55 -4.74 10.17
CA SER B 15 -23.04 -4.65 11.53
C SER B 15 -22.77 -3.24 12.08
N LEU B 16 -21.57 -2.76 11.79
CA LEU B 16 -21.15 -1.44 12.23
C LEU B 16 -22.06 -0.40 11.60
N TYR B 17 -22.19 -0.43 10.27
CA TYR B 17 -23.10 0.46 9.58
C TYR B 17 -24.50 0.45 10.22
N ASP B 18 -25.05 -0.75 10.44
CA ASP B 18 -26.38 -0.89 11.03
C ASP B 18 -26.49 -0.29 12.43
N SER B 19 -25.37 -0.26 13.14
CA SER B 19 -25.38 0.14 14.54
C SER B 19 -25.81 1.59 14.69
N GLN B 20 -25.63 2.35 13.61
CA GLN B 20 -25.91 3.79 13.59
C GLN B 20 -24.79 4.62 14.20
N ILE B 21 -23.72 3.97 14.66
CA ILE B 21 -22.57 4.67 15.22
C ILE B 21 -22.05 5.86 14.39
N PHE B 22 -21.95 5.73 13.08
CA PHE B 22 -21.47 6.85 12.28
C PHE B 22 -22.59 7.86 12.00
N HIS B 23 -23.81 7.35 11.92
CA HIS B 23 -24.94 8.21 11.67
C HIS B 23 -25.18 9.17 12.83
N ASN B 24 -24.94 8.68 14.05
CA ASN B 24 -25.18 9.51 15.24
C ASN B 24 -23.92 10.17 15.74
N TRP B 25 -22.83 9.96 15.04
CA TRP B 25 -21.59 10.69 15.29
C TRP B 25 -21.82 12.13 14.82
N ALA B 26 -21.63 13.10 15.70
CA ALA B 26 -21.97 14.49 15.36
C ALA B 26 -20.97 15.07 14.36
N LEU B 27 -19.76 14.54 14.37
CA LEU B 27 -18.73 14.99 13.46
C LEU B 27 -19.15 14.68 12.03
N CYS B 28 -19.80 13.54 11.85
CA CYS B 28 -19.95 12.90 10.55
C CYS B 28 -21.11 13.45 9.77
N GLN B 29 -20.83 13.99 8.58
CA GLN B 29 -21.85 14.61 7.75
C GLN B 29 -22.75 13.58 7.11
N ASP B 30 -22.16 12.58 6.45
CA ASP B 30 -22.97 11.50 5.86
C ASP B 30 -22.18 10.21 5.66
N VAL B 31 -22.89 9.09 5.61
CA VAL B 31 -22.32 7.74 5.62
C VAL B 31 -22.77 6.98 4.39
N HIS B 32 -21.87 6.23 3.76
CA HIS B 32 -22.24 5.49 2.57
C HIS B 32 -21.59 4.12 2.49
N LEU B 33 -22.41 3.14 2.18
CA LEU B 33 -21.95 1.77 2.10
C LEU B 33 -21.89 1.40 0.62
N ASN B 34 -20.78 0.81 0.18
CA ASN B 34 -20.67 0.53 -1.25
C ASN B 34 -21.62 -0.58 -1.68
N ASP B 35 -21.64 -0.89 -2.97
CA ASP B 35 -22.65 -1.82 -3.47
C ASP B 35 -22.42 -3.24 -2.98
N GLU B 36 -21.14 -3.62 -2.90
CA GLU B 36 -20.74 -4.90 -2.36
C GLU B 36 -20.86 -4.93 -0.84
N LYS B 37 -21.09 -3.77 -0.24
CA LYS B 37 -21.03 -3.58 1.22
C LYS B 37 -19.68 -3.98 1.81
N ASP B 38 -18.64 -3.86 0.99
CA ASP B 38 -17.24 -4.08 1.32
C ASP B 38 -16.65 -2.88 1.96
N GLY B 39 -17.27 -1.73 1.72
CA GLY B 39 -16.62 -0.48 2.02
C GLY B 39 -17.60 0.58 2.42
N LEU B 40 -17.07 1.56 3.14
CA LEU B 40 -17.88 2.57 3.80
C LEU B 40 -17.20 3.92 3.65
N LEU B 41 -17.91 4.89 3.07
CA LEU B 41 -17.37 6.25 2.94
C LEU B 41 -17.95 7.16 4.01
N LEU B 42 -17.11 7.79 4.81
CA LEU B 42 -17.58 8.73 5.82
C LEU B 42 -17.18 10.11 5.40
N ARG B 43 -18.09 11.06 5.44
CA ARG B 43 -17.72 12.44 5.16
C ARG B 43 -17.87 13.23 6.43
N LEU B 44 -16.78 13.78 6.93
CA LEU B 44 -16.84 14.52 8.17
C LEU B 44 -17.34 15.92 7.92
N ILE B 45 -17.95 16.52 8.93
CA ILE B 45 -18.47 17.88 8.81
C ILE B 45 -17.28 18.81 8.75
N PRO B 46 -17.51 20.05 8.25
CA PRO B 46 -16.47 21.08 8.20
C PRO B 46 -15.72 21.24 9.52
N THR B 47 -14.40 21.26 9.40
CA THR B 47 -13.47 21.25 10.51
C THR B 47 -12.40 22.31 10.19
N ARG B 48 -11.96 23.06 11.20
CA ARG B 48 -10.91 24.05 10.98
C ARG B 48 -9.55 23.62 11.55
N GLN B 49 -9.51 23.45 12.86
CA GLN B 49 -8.40 22.79 13.55
C GLN B 49 -8.69 21.32 13.91
N LEU B 50 -9.86 20.84 13.45
CA LEU B 50 -10.43 19.48 13.67
C LEU B 50 -11.54 19.44 14.72
N LEU B 61 -11.53 29.14 5.53
CA LEU B 61 -10.32 28.32 5.62
C LEU B 61 -10.66 26.91 6.11
N LEU B 62 -11.97 26.61 6.13
CA LEU B 62 -12.52 25.32 6.56
C LEU B 62 -12.12 24.14 5.65
N ASN B 63 -12.28 22.93 6.16
CA ASN B 63 -11.98 21.73 5.39
C ASN B 63 -13.16 20.75 5.33
N HIS B 64 -13.01 19.63 4.61
CA HIS B 64 -13.98 18.55 4.66
C HIS B 64 -13.19 17.26 4.53
N ILE B 65 -13.38 16.33 5.46
CA ILE B 65 -12.52 15.16 5.48
C ILE B 65 -13.30 13.96 5.00
N GLU B 66 -12.66 13.13 4.17
CA GLU B 66 -13.29 11.92 3.68
C GLU B 66 -12.47 10.69 4.06
N LEU B 67 -13.14 9.72 4.64
CA LEU B 67 -12.52 8.45 5.00
C LEU B 67 -13.19 7.34 4.22
N TYR B 68 -12.40 6.56 3.50
CA TYR B 68 -12.97 5.41 2.83
C TYR B 68 -12.45 4.17 3.54
N LEU B 69 -13.33 3.44 4.22
CA LEU B 69 -12.93 2.23 4.96
C LEU B 69 -13.03 1.05 4.02
N THR B 70 -11.91 0.38 3.76
CA THR B 70 -11.88 -0.71 2.80
C THR B 70 -11.11 -1.91 3.33
N TYR B 71 -11.21 -3.02 2.60
CA TYR B 71 -10.49 -4.23 2.92
C TYR B 71 -9.39 -4.43 1.90
N SER B 72 -8.17 -4.61 2.37
CA SER B 72 -7.11 -4.95 1.44
C SER B 72 -7.12 -6.45 1.26
N LYS B 73 -7.37 -6.89 0.04
CA LYS B 73 -7.36 -8.31 -0.25
C LYS B 73 -5.93 -8.85 -0.36
N VAL B 74 -4.95 -7.97 -0.54
CA VAL B 74 -3.56 -8.41 -0.55
C VAL B 74 -3.00 -8.62 0.84
N TYR B 75 -3.33 -7.73 1.78
CA TYR B 75 -2.78 -7.85 3.13
C TYR B 75 -3.72 -8.45 4.17
N ASN B 76 -4.96 -8.69 3.76
CA ASN B 76 -6.02 -9.15 4.66
C ASN B 76 -6.24 -8.35 5.92
N GLU B 77 -6.33 -7.04 5.77
CA GLU B 77 -6.45 -6.09 6.86
C GLU B 77 -7.31 -4.96 6.36
N PRO B 78 -7.93 -4.21 7.28
CA PRO B 78 -8.65 -3.03 6.80
C PRO B 78 -7.65 -2.03 6.21
N LEU B 79 -8.13 -1.19 5.32
CA LEU B 79 -7.27 -0.18 4.74
C LEU B 79 -8.06 1.12 4.84
N LEU B 80 -7.54 2.11 5.57
CA LEU B 80 -8.25 3.37 5.74
C LEU B 80 -7.71 4.37 4.73
N LEU B 81 -8.56 4.77 3.79
CA LEU B 81 -8.17 5.72 2.76
C LEU B 81 -8.60 7.14 3.13
N LEU B 82 -7.70 8.09 2.95
CA LEU B 82 -7.90 9.44 3.46
C LEU B 82 -7.78 10.47 2.34
N ARG B 83 -8.73 11.38 2.27
CA ARG B 83 -8.50 12.60 1.49
C ARG B 83 -9.22 13.77 2.13
N ILE B 84 -8.68 14.95 1.89
CA ILE B 84 -9.17 16.14 2.56
C ILE B 84 -9.37 17.31 1.62
N TRP B 85 -10.57 17.89 1.61
CA TRP B 85 -10.77 19.09 0.80
C TRP B 85 -10.38 20.33 1.58
N GLU B 86 -9.47 21.14 1.06
CA GLU B 86 -9.21 22.41 1.74
C GLU B 86 -9.69 23.60 0.96
N GLU B 87 -10.22 24.58 1.69
CA GLU B 87 -10.52 25.87 1.09
C GLU B 87 -9.31 26.76 1.26
N LYS B 88 -8.96 27.50 0.22
CA LYS B 88 -7.74 28.26 0.23
C LYS B 88 -8.05 29.57 -0.47
N SER B 89 -7.63 30.69 0.11
CA SER B 89 -7.90 31.98 -0.51
C SER B 89 -6.82 32.22 -1.54
N ILE B 90 -7.23 32.30 -2.80
CA ILE B 90 -6.29 32.48 -3.89
C ILE B 90 -6.54 33.83 -4.54
N ASP B 91 -5.56 34.71 -4.43
CA ASP B 91 -5.67 36.06 -4.95
C ASP B 91 -6.85 36.77 -4.30
N GLY B 92 -7.21 36.30 -3.10
CA GLY B 92 -8.33 36.86 -2.36
C GLY B 92 -9.63 36.12 -2.62
N ILE B 93 -9.59 35.11 -3.48
CA ILE B 93 -10.78 34.36 -3.81
C ILE B 93 -10.79 32.99 -3.16
N PRO B 94 -11.79 32.72 -2.35
CA PRO B 94 -11.93 31.37 -1.80
C PRO B 94 -12.10 30.31 -2.88
N THR B 96 -11.44 25.81 -3.66
CA THR B 96 -11.29 24.50 -3.06
C THR B 96 -10.29 23.66 -3.82
N LYS B 97 -9.42 22.96 -3.09
CA LYS B 97 -8.54 21.97 -3.69
C LYS B 97 -8.40 20.74 -2.80
N LEU B 98 -7.89 19.68 -3.39
CA LEU B 98 -7.61 18.45 -2.68
C LEU B 98 -6.33 18.67 -1.90
N LEU B 100 -2.79 18.24 -0.34
CA LEU B 100 -1.56 17.49 -0.61
C LEU B 100 -1.06 16.73 0.62
N PRO B 101 -0.46 15.54 0.41
CA PRO B 101 -0.13 14.66 1.54
C PRO B 101 0.76 15.29 2.60
N THR B 102 1.80 16.01 2.19
CA THR B 102 2.72 16.60 3.17
C THR B 102 1.99 17.55 4.13
N ASP B 103 0.94 18.18 3.62
CA ASP B 103 0.09 19.05 4.43
C ASP B 103 -0.87 18.24 5.31
N ILE B 104 -1.31 17.09 4.81
CA ILE B 104 -2.12 16.20 5.62
C ILE B 104 -1.25 15.75 6.78
N GLU B 105 0.02 15.52 6.48
CA GLU B 105 0.99 15.13 7.48
C GLU B 105 1.20 16.20 8.52
N SER B 106 1.02 17.46 8.15
CA SER B 106 1.09 18.52 9.16
C SER B 106 -0.23 18.71 9.91
N LEU B 107 -1.36 18.53 9.21
CA LEU B 107 -2.67 18.84 9.77
C LEU B 107 -2.94 18.00 11.01
N LEU B 108 -2.36 16.80 10.97
CA LEU B 108 -2.53 15.73 11.95
C LEU B 108 -1.51 15.55 13.08
N ASP B 109 -0.23 15.54 12.75
CA ASP B 109 0.78 15.08 13.66
C ASP B 109 0.63 16.02 14.81
N VAL B 110 0.20 17.24 14.52
CA VAL B 110 0.19 18.22 15.60
C VAL B 110 -0.34 17.45 16.81
N GLN B 111 -1.02 16.33 16.52
CA GLN B 111 -1.27 15.25 17.46
C GLN B 111 -1.12 13.92 16.71
N GLY B 112 -0.51 12.93 17.35
CA GLY B 112 -0.19 11.69 16.67
C GLY B 112 0.87 11.89 15.60
N LYS B 113 2.04 12.38 16.02
CA LYS B 113 3.11 12.84 15.12
C LYS B 113 3.69 11.71 14.24
N PHE B 114 3.24 10.49 14.45
CA PHE B 114 3.86 9.39 13.73
C PHE B 114 2.98 8.82 12.61
N GLN B 115 3.53 8.81 11.39
CA GLN B 115 2.89 8.09 10.30
C GLN B 115 3.84 6.98 9.86
N LEU B 116 3.32 5.75 9.92
CA LEU B 116 4.11 4.54 9.70
C LEU B 116 4.49 4.27 8.25
N GLY B 117 5.63 3.64 8.07
CA GLY B 117 6.02 3.07 6.79
C GLY B 117 6.34 4.03 5.66
N LEU B 118 5.90 3.68 4.47
CA LEU B 118 6.23 4.45 3.27
C LEU B 118 5.01 5.21 2.77
N ASP B 119 5.26 6.34 2.12
CA ASP B 119 4.16 7.16 1.63
C ASP B 119 3.42 6.29 0.63
N THR B 120 2.09 6.32 0.71
CA THR B 120 1.33 5.43 -0.13
C THR B 120 0.06 6.08 -0.64
N ILE B 121 0.04 6.32 -1.93
CA ILE B 121 -1.11 6.91 -2.56
C ILE B 121 -1.88 5.75 -3.14
N ILE B 122 -3.19 5.73 -2.91
CA ILE B 122 -4.04 4.72 -3.54
C ILE B 122 -4.86 5.46 -4.57
N ASN B 123 -4.84 4.97 -5.80
CA ASN B 123 -5.62 5.57 -6.88
C ASN B 123 -6.89 4.78 -7.14
N LEU B 124 -8.01 5.42 -6.85
CA LEU B 124 -9.31 4.80 -6.99
C LEU B 124 -10.03 5.45 -8.17
N GLU B 125 -10.09 4.74 -9.30
CA GLU B 125 -10.78 5.24 -10.49
C GLU B 125 -10.50 6.72 -10.77
N GLY B 126 -9.25 7.14 -10.60
CA GLY B 126 -8.91 8.50 -10.93
C GLY B 126 -8.80 9.41 -9.72
N SER B 127 -9.36 8.99 -8.58
CA SER B 127 -9.26 9.79 -7.36
C SER B 127 -8.04 9.36 -6.54
N VAL B 128 -7.37 10.33 -5.92
CA VAL B 128 -6.15 10.10 -5.17
C VAL B 128 -6.40 10.09 -3.67
N TRP B 129 -6.08 8.97 -3.03
CA TRP B 129 -6.26 8.82 -1.59
C TRP B 129 -4.96 8.48 -0.92
N TYR B 130 -4.95 8.76 0.39
CA TYR B 130 -3.83 8.56 1.29
C TYR B 130 -4.07 7.29 2.08
N SER B 131 -3.10 6.39 2.11
CA SER B 131 -3.22 5.25 2.99
C SER B 131 -2.91 5.73 4.42
N PHE B 132 -3.84 5.58 5.35
CA PHE B 132 -3.58 6.09 6.70
C PHE B 132 -3.10 5.00 7.64
N HIS B 133 -1.90 5.17 8.17
CA HIS B 133 -1.26 4.15 9.03
C HIS B 133 -0.58 4.71 10.27
N PRO B 134 -1.35 5.21 11.23
CA PRO B 134 -0.70 5.73 12.43
C PRO B 134 0.11 4.63 13.12
N CYS B 135 -0.40 3.41 13.07
CA CYS B 135 0.23 2.30 13.79
C CYS B 135 0.05 0.94 13.12
N ASP B 136 0.67 -0.07 13.73
CA ASP B 136 0.65 -1.44 13.28
C ASP B 136 -0.66 -2.05 13.76
N THR B 137 -1.42 -2.56 12.83
CA THR B 137 -2.69 -3.19 13.13
C THR B 137 -2.56 -4.43 14.05
N SER B 138 -1.34 -4.92 14.25
CA SER B 138 -1.11 -6.06 15.15
C SER B 138 -1.45 -5.79 16.62
N CYS B 139 -1.64 -4.52 16.97
CA CYS B 139 -1.99 -4.14 18.35
C CYS B 139 -3.35 -4.70 18.68
N ILE B 140 -4.19 -4.77 17.66
CA ILE B 140 -5.60 -5.12 17.80
C ILE B 140 -5.85 -6.59 18.14
N VAL B 141 -4.93 -7.48 17.77
CA VAL B 141 -5.11 -8.90 18.08
C VAL B 141 -4.22 -9.43 19.20
N GLY B 142 -4.76 -10.39 19.94
CA GLY B 142 -4.01 -11.09 20.97
C GLY B 142 -3.34 -12.31 20.38
N ASP B 143 -2.70 -13.10 21.24
CA ASP B 143 -1.94 -14.26 20.79
C ASP B 143 -2.81 -15.29 20.06
N GLN B 144 -3.98 -15.57 20.62
CA GLN B 144 -4.83 -16.64 20.10
C GLN B 144 -5.98 -16.21 19.17
N ALA B 145 -6.08 -14.90 18.90
CA ALA B 145 -7.19 -14.31 18.11
C ALA B 145 -8.55 -14.49 18.76
N GLU B 146 -8.58 -14.45 20.09
CA GLU B 146 -9.81 -14.66 20.83
C GLU B 146 -10.85 -13.60 20.50
N PHE B 147 -10.39 -12.36 20.34
CA PHE B 147 -11.31 -11.21 20.26
C PHE B 147 -11.73 -10.82 18.85
N SER B 149 -14.16 -11.12 17.00
CA SER B 149 -15.51 -10.61 16.76
C SER B 149 -15.68 -9.07 16.84
N THR B 150 -14.86 -8.42 17.68
CA THR B 150 -14.84 -6.96 17.84
C THR B 150 -13.70 -6.27 17.10
N TYR B 151 -12.99 -7.01 16.26
CA TYR B 151 -11.83 -6.47 15.56
C TYR B 151 -12.15 -5.11 14.92
N LEU B 152 -13.17 -5.08 14.09
CA LEU B 152 -13.44 -3.88 13.33
C LEU B 152 -13.78 -2.71 14.24
N ARG B 153 -14.57 -2.99 15.26
CA ARG B 153 -15.01 -1.92 16.13
C ARG B 153 -13.82 -1.29 16.83
N ARG B 154 -12.94 -2.13 17.35
CA ARG B 154 -11.76 -1.64 18.04
C ARG B 154 -10.82 -0.96 17.06
N TRP B 155 -10.73 -1.50 15.86
CA TRP B 155 -9.92 -0.88 14.80
C TRP B 155 -10.41 0.55 14.54
N VAL B 156 -11.72 0.74 14.48
CA VAL B 156 -12.29 2.07 14.34
C VAL B 156 -11.82 3.03 15.43
N SER B 157 -11.79 2.57 16.67
CA SER B 157 -11.37 3.41 17.78
C SER B 157 -9.92 3.86 17.63
N ILE B 158 -9.07 2.97 17.16
CA ILE B 158 -7.67 3.23 17.05
C ILE B 158 -7.37 4.09 15.81
N PHE B 159 -8.00 3.76 14.70
CA PHE B 159 -7.60 4.39 13.46
C PHE B 159 -8.42 5.60 13.11
N ILE B 160 -9.53 5.80 13.80
CA ILE B 160 -10.39 6.94 13.49
C ILE B 160 -10.62 7.84 14.71
N PHE B 161 -11.29 7.31 15.72
CA PHE B 161 -11.56 8.07 16.94
C PHE B 161 -10.33 8.65 17.62
N SER B 162 -9.18 8.00 17.47
CA SER B 162 -7.99 8.46 18.17
C SER B 162 -7.55 9.85 17.72
N TRP B 163 -7.66 10.15 16.44
CA TRP B 163 -7.34 11.48 15.97
C TRP B 163 -8.51 12.41 15.66
N LEU B 164 -9.71 11.85 15.55
CA LEU B 164 -10.92 12.68 15.49
C LEU B 164 -11.77 12.25 16.65
N GLY B 165 -11.90 13.08 17.66
CA GLY B 165 -12.56 12.61 18.86
C GLY B 165 -14.03 12.31 18.58
N TYR B 166 -14.57 11.31 19.27
CA TYR B 166 -15.99 11.09 19.20
C TYR B 166 -16.68 12.33 19.79
N GLU B 167 -16.03 12.93 20.79
CA GLU B 167 -16.59 14.06 21.53
C GLU B 167 -15.87 15.35 21.17
#